data_1W86
#
_entry.id   1W86
#
_cell.length_a   1.000
_cell.length_b   1.000
_cell.length_c   1.000
_cell.angle_alpha   90.00
_cell.angle_beta   90.00
_cell.angle_gamma   90.00
#
_symmetry.space_group_name_H-M   'P 1'
#
loop_
_entity.id
_entity.type
_entity.pdbx_description
1 polymer 'INTRAMOLECULAR DSDNA-LNA TRIPLEX'
2 polymer 'INTRAMOLECULAR DSDNA-LNA TRIPLEX'
3 polymer 'INTRAMOLECULAR DSDNA-LNA TRIPLEX'
#
loop_
_entity_poly.entity_id
_entity_poly.type
_entity_poly.pdbx_seq_one_letter_code
_entity_poly.pdbx_strand_id
1 'polydeoxyribonucleotide' (DA)(DG)(DA)(DG)(DA)(DG)(DA)(DA) A
2 'polydeoxyribonucleotide' (DT)(DT)(DC)(DT)(DC)(DT)(DC)(DT) B
3 'polydeoxyribonucleotide' (DT)(LCC)(DT)(LCC)(DT)(LCC)(DT)(DT) C
#